data_5W7O
#
_entry.id   5W7O
#
_cell.length_a   80.710
_cell.length_b   37.579
_cell.length_c   62.319
_cell.angle_alpha   90.00
_cell.angle_beta   96.01
_cell.angle_gamma   90.00
#
_symmetry.space_group_name_H-M   'C 1 2 1'
#
loop_
_entity.id
_entity.type
_entity.pdbx_description
1 polymer "RNA (5'-R(*UP*CP*GP*AP*CP*A)-3')"
2 polymer "DNA (5'-D(*AP*TP*GP*(US3)P*CP*G)-3')"
3 polymer 'Ribonuclease H'
4 non-polymer 'MAGNESIUM ION'
5 water water
#
loop_
_entity_poly.entity_id
_entity_poly.type
_entity_poly.pdbx_seq_one_letter_code
_entity_poly.pdbx_strand_id
1 'polyribonucleotide' UCGACA B
2 'polydeoxyribonucleotide' (DA)(DT)(DG)(US3)(DC)(DG) C
3 'polypeptide(L)'
;EIIWESLSVDVGSQGNPGIVEYKGVDTKTGEVLFEREPIPIGTNNMGEFLAIVHGLRYLKERNSRKPIYSNSQTAIKWVK
DKKAKSTLVRNEETALIWKLVDEAEEWLNTHTYETPILKWQTDKWGEIKADY
;
A
#
loop_
_chem_comp.id
_chem_comp.type
_chem_comp.name
_chem_comp.formula
A RNA linking ADENOSINE-5'-MONOPHOSPHATE 'C10 H14 N5 O7 P'
C RNA linking CYTIDINE-5'-MONOPHOSPHATE 'C9 H14 N3 O8 P'
DA DNA linking 2'-DEOXYADENOSINE-5'-MONOPHOSPHATE 'C10 H14 N5 O6 P'
DC DNA linking 2'-DEOXYCYTIDINE-5'-MONOPHOSPHATE 'C9 H14 N3 O7 P'
DG DNA linking 2'-DEOXYGUANOSINE-5'-MONOPHOSPHATE 'C10 H14 N5 O7 P'
DT DNA linking THYMIDINE-5'-MONOPHOSPHATE 'C10 H15 N2 O8 P'
G RNA linking GUANOSINE-5'-MONOPHOSPHATE 'C10 H14 N5 O8 P'
MG non-polymer 'MAGNESIUM ION' 'Mg 2'
U RNA linking URIDINE-5'-MONOPHOSPHATE 'C9 H13 N2 O9 P'
US3 DNA linking 1-(2-deoxy-5-O-phosphono-beta-D-erythro-pentofuranosyl)-5-methyl-2-selanylpyrimidin-4(1H)-one 'C10 H15 N2 O7 P Se'
#
# COMPACT_ATOMS: atom_id res chain seq x y z
P US3 B 4 -9.77 7.31 -6.24
N1 US3 B 4 -13.81 2.44 -7.43
C2 US3 B 4 -14.28 1.20 -7.11
SE2 US3 B 4 -13.21 -0.35 -7.04
N3 US3 B 4 -15.61 1.00 -6.88
C4 US3 B 4 -16.52 2.06 -6.95
O4 US3 B 4 -17.74 1.83 -6.75
C5 US3 B 4 -16.05 3.34 -7.32
C6 US3 B 4 -14.70 3.50 -7.56
C1' US3 B 4 -12.33 2.65 -7.73
C2' US3 B 4 -12.09 2.49 -9.25
OP2 US3 B 4 -10.34 8.34 -7.25
C3' US3 B 4 -11.15 3.66 -9.50
O3' US3 B 4 -9.97 3.09 -10.06
C4' US3 B 4 -10.72 4.17 -8.20
O4' US3 B 4 -11.93 3.91 -7.38
C5' US3 B 4 -10.46 5.63 -8.17
O5' US3 B 4 -9.96 5.88 -6.86
C5A US3 B 4 -16.84 4.50 -7.43
OP1 US3 B 4 -8.39 7.52 -5.74
N GLU C 1 -4.06 -21.93 3.10
CA GLU C 1 -3.33 -21.42 1.91
C GLU C 1 -2.81 -19.98 2.04
N ILE C 2 -2.94 -19.40 3.23
CA ILE C 2 -2.34 -18.13 3.62
C ILE C 2 -0.84 -18.35 3.60
N ILE C 3 -0.13 -17.47 2.91
CA ILE C 3 1.33 -17.48 2.91
C ILE C 3 1.69 -16.61 4.10
N TRP C 4 1.96 -17.27 5.23
CA TRP C 4 2.31 -16.62 6.48
C TRP C 4 3.60 -15.82 6.43
N GLU C 5 4.57 -16.30 5.64
CA GLU C 5 5.86 -15.64 5.50
C GLU C 5 5.66 -14.51 4.46
N SER C 6 5.07 -13.44 4.94
CA SER C 6 4.63 -12.34 4.08
C SER C 6 4.56 -11.04 4.84
N LEU C 7 4.48 -9.93 4.11
CA LEU C 7 4.17 -8.61 4.63
C LEU C 7 2.69 -8.26 4.26
N SER C 8 1.88 -7.77 5.19
CA SER C 8 0.49 -7.37 4.89
C SER C 8 0.47 -5.85 5.03
N VAL C 9 -0.19 -5.16 4.10
CA VAL C 9 -0.32 -3.70 4.17
C VAL C 9 -1.79 -3.30 4.13
N ASP C 10 -2.08 -2.19 4.77
CA ASP C 10 -3.43 -1.65 4.73
C ASP C 10 -3.41 -0.12 4.94
N VAL C 11 -4.47 0.53 4.45
CA VAL C 11 -4.75 1.93 4.67
C VAL C 11 -5.70 2.12 5.88
N GLY C 12 -5.59 3.25 6.56
CA GLY C 12 -6.63 3.73 7.48
C GLY C 12 -6.96 5.18 7.11
N SER C 13 -8.23 5.57 7.17
CA SER C 13 -8.54 6.95 6.90
C SER C 13 -9.52 7.52 7.93
N GLN C 14 -9.62 8.84 7.91
CA GLN C 14 -10.69 9.60 8.55
C GLN C 14 -11.29 10.49 7.48
N GLY C 15 -12.41 9.97 6.93
CA GLY C 15 -13.00 10.49 5.75
C GLY C 15 -12.41 9.84 4.52
N ASN C 16 -13.12 9.93 3.43
CA ASN C 16 -12.61 9.48 2.12
C ASN C 16 -13.30 10.29 1.04
N PRO C 17 -12.65 11.33 0.52
CA PRO C 17 -11.28 11.74 0.84
C PRO C 17 -11.15 12.28 2.22
N GLY C 18 -10.02 12.06 2.85
CA GLY C 18 -9.75 12.59 4.14
C GLY C 18 -8.32 12.25 4.55
N ILE C 19 -8.12 12.18 5.84
CA ILE C 19 -6.79 11.98 6.38
C ILE C 19 -6.45 10.51 6.14
N VAL C 20 -5.29 10.23 5.52
CA VAL C 20 -4.88 8.86 5.15
C VAL C 20 -3.56 8.50 5.77
N GLU C 21 -3.46 7.31 6.29
CA GLU C 21 -2.21 6.75 6.76
C GLU C 21 -2.19 5.28 6.26
N TYR C 22 -1.07 4.60 6.43
CA TYR C 22 -0.98 3.21 6.02
C TYR C 22 0.16 2.59 6.80
N LYS C 23 0.18 1.26 6.83
CA LYS C 23 1.15 0.55 7.61
C LYS C 23 1.35 -0.81 7.00
N GLY C 24 2.49 -1.39 7.34
CA GLY C 24 2.90 -2.69 6.91
C GLY C 24 3.21 -3.54 8.14
N VAL C 25 2.68 -4.76 8.16
CA VAL C 25 2.91 -5.66 9.32
C VAL C 25 3.37 -7.05 8.90
N ASP C 26 4.11 -7.73 9.78
CA ASP C 26 4.45 -9.12 9.54
C ASP C 26 3.12 -9.91 9.63
N THR C 27 2.80 -10.67 8.61
CA THR C 27 1.52 -11.38 8.56
C THR C 27 1.41 -12.40 9.73
N LYS C 28 2.55 -12.96 10.09
CA LYS C 28 2.59 -14.07 11.09
C LYS C 28 2.34 -13.51 12.49
N THR C 29 3.08 -12.47 12.84
CA THR C 29 3.12 -11.96 14.19
C THR C 29 2.34 -10.69 14.43
N GLY C 30 2.00 -9.95 13.39
CA GLY C 30 1.35 -8.69 13.55
C GLY C 30 2.29 -7.57 13.91
N GLU C 31 3.56 -7.84 13.94
CA GLU C 31 4.50 -6.81 14.28
C GLU C 31 4.46 -5.68 13.23
N VAL C 32 4.42 -4.43 13.68
CA VAL C 32 4.37 -3.26 12.77
C VAL C 32 5.76 -2.97 12.24
N LEU C 33 5.94 -3.02 10.95
CA LEU C 33 7.25 -2.85 10.35
C LEU C 33 7.48 -1.45 9.82
N PHE C 34 6.38 -0.82 9.44
CA PHE C 34 6.39 0.57 8.99
C PHE C 34 4.99 1.17 9.10
N GLU C 35 4.95 2.48 9.34
CA GLU C 35 3.68 3.21 9.47
C GLU C 35 3.95 4.61 8.96
N ARG C 36 3.23 5.03 7.94
CA ARG C 36 3.37 6.35 7.36
C ARG C 36 2.66 7.40 8.25
N GLU C 37 3.31 8.53 8.51
CA GLU C 37 2.68 9.69 9.13
C GLU C 37 1.42 10.09 8.34
N PRO C 38 0.33 10.48 9.04
CA PRO C 38 -0.91 10.79 8.36
C PRO C 38 -0.74 11.88 7.32
N ILE C 39 -1.37 11.69 6.18
CA ILE C 39 -1.35 12.63 5.08
C ILE C 39 -2.70 13.38 5.15
N PRO C 40 -2.68 14.71 5.17
CA PRO C 40 -3.95 15.43 5.51
C PRO C 40 -5.16 15.15 4.64
N ILE C 41 -4.97 15.03 3.35
CA ILE C 41 -6.04 14.66 2.39
C ILE C 41 -5.55 13.65 1.32
N GLY C 42 -6.28 12.56 1.20
CA GLY C 42 -6.07 11.59 0.17
C GLY C 42 -7.28 10.69 0.02
N THR C 43 -7.18 9.72 -0.87
CA THR C 43 -8.28 8.76 -1.02
C THR C 43 -7.81 7.42 -0.46
N ASN C 44 -8.80 6.59 -0.14
CA ASN C 44 -8.55 5.18 0.20
C ASN C 44 -7.62 4.49 -0.78
N ASN C 45 -7.94 4.58 -2.08
CA ASN C 45 -7.21 3.78 -3.07
C ASN C 45 -5.78 4.30 -3.27
N MET C 46 -5.60 5.61 -3.19
CA MET C 46 -4.25 6.20 -3.15
C MET C 46 -3.47 5.65 -2.00
N GLY C 47 -4.04 5.64 -0.80
CA GLY C 47 -3.32 5.09 0.31
C GLY C 47 -3.03 3.60 0.19
N GLU C 48 -3.95 2.82 -0.35
CA GLU C 48 -3.72 1.36 -0.54
C GLU C 48 -2.60 1.16 -1.51
N PHE C 49 -2.52 2.04 -2.52
CA PHE C 49 -1.41 2.03 -3.51
C PHE C 49 -0.04 2.36 -2.92
N LEU C 50 0.02 3.46 -2.19
CA LEU C 50 1.22 3.87 -1.52
C LEU C 50 1.71 2.83 -0.55
N ALA C 51 0.75 2.16 0.14
CA ALA C 51 1.11 1.09 1.06
C ALA C 51 1.86 -0.06 0.35
N ILE C 52 1.34 -0.48 -0.80
CA ILE C 52 2.00 -1.57 -1.57
C ILE C 52 3.38 -1.15 -2.04
N VAL C 53 3.49 0.05 -2.58
CA VAL C 53 4.78 0.49 -3.14
C VAL C 53 5.80 0.63 -2.03
N HIS C 54 5.35 1.21 -0.90
CA HIS C 54 6.18 1.28 0.32
C HIS C 54 6.66 -0.10 0.71
N GLY C 55 5.74 -1.05 0.79
CA GLY C 55 6.12 -2.47 1.03
C GLY C 55 7.17 -3.01 0.05
N LEU C 56 7.03 -2.72 -1.24
CA LEU C 56 8.02 -3.20 -2.23
C LEU C 56 9.38 -2.63 -1.93
N ARG C 57 9.41 -1.31 -1.65
CA ARG C 57 10.68 -0.63 -1.37
C ARG C 57 11.32 -1.18 -0.09
N TYR C 58 10.47 -1.42 0.89
CA TYR C 58 10.89 -1.91 2.21
C TYR C 58 11.58 -3.30 2.10
N LEU C 59 10.95 -4.17 1.34
CA LEU C 59 11.45 -5.55 1.12
C LEU C 59 12.68 -5.54 0.22
N LYS C 60 12.68 -4.71 -0.83
CA LYS C 60 13.79 -4.60 -1.71
C LYS C 60 15.00 -4.13 -0.95
N GLU C 61 14.86 -3.10 -0.11
CA GLU C 61 16.01 -2.54 0.66
C GLU C 61 16.61 -3.58 1.60
N ARG C 62 15.76 -4.47 2.08
CA ARG C 62 16.16 -5.56 3.00
C ARG C 62 16.48 -6.93 2.41
N ASN C 63 16.57 -6.96 1.09
CA ASN C 63 16.83 -8.15 0.32
C ASN C 63 15.88 -9.28 0.69
N SER C 64 14.61 -8.93 0.92
CA SER C 64 13.61 -9.93 1.26
C SER C 64 12.80 -10.33 0.08
N ARG C 65 12.51 -11.62 -0.06
CA ARG C 65 11.70 -12.15 -1.15
C ARG C 65 10.22 -12.39 -0.75
N LYS C 66 9.85 -12.02 0.48
CA LYS C 66 8.46 -12.18 0.96
C LYS C 66 7.41 -11.55 0.03
N PRO C 67 6.29 -12.22 -0.14
CA PRO C 67 5.21 -11.50 -0.87
C PRO C 67 4.56 -10.47 0.02
N ILE C 68 3.77 -9.62 -0.65
CA ILE C 68 2.94 -8.65 -0.02
C ILE C 68 1.49 -9.01 -0.24
N TYR C 69 0.73 -8.95 0.83
CA TYR C 69 -0.72 -9.01 0.76
C TYR C 69 -1.31 -7.63 0.87
N SER C 70 -2.29 -7.39 0.04
CA SER C 70 -3.15 -6.24 0.11
C SER C 70 -4.57 -6.73 -0.10
N ASN C 71 -5.55 -6.11 0.53
CA ASN C 71 -6.95 -6.45 0.16
C ASN C 71 -7.55 -5.63 -0.96
N SER C 72 -6.76 -4.76 -1.56
CA SER C 72 -7.32 -3.74 -2.47
C SER C 72 -7.07 -4.20 -3.89
N GLN C 73 -8.12 -4.65 -4.58
CA GLN C 73 -7.99 -5.00 -6.00
C GLN C 73 -7.53 -3.78 -6.84
N THR C 74 -8.01 -2.61 -6.47
CA THR C 74 -7.62 -1.34 -7.18
C THR C 74 -6.12 -1.09 -7.08
N ALA C 75 -5.62 -1.13 -5.88
CA ALA C 75 -4.21 -0.82 -5.67
C ALA C 75 -3.26 -1.85 -6.32
N ILE C 76 -3.66 -3.11 -6.31
CA ILE C 76 -2.92 -4.20 -6.89
C ILE C 76 -2.85 -3.94 -8.39
N LYS C 77 -3.95 -3.52 -8.96
CA LYS C 77 -3.96 -3.17 -10.39
C LYS C 77 -3.12 -1.97 -10.71
N TRP C 78 -3.29 -0.88 -9.94
CA TRP C 78 -2.49 0.32 -10.15
C TRP C 78 -1.00 0.00 -10.07
N VAL C 79 -0.60 -0.83 -9.11
CA VAL C 79 0.84 -1.20 -9.00
C VAL C 79 1.29 -1.94 -10.25
N LYS C 80 0.52 -2.93 -10.67
CA LYS C 80 0.81 -3.70 -11.87
C LYS C 80 0.90 -2.80 -13.12
N ASP C 81 0.02 -1.82 -13.20
CA ASP C 81 0.06 -0.87 -14.28
C ASP C 81 1.15 0.22 -14.17
N LYS C 82 1.80 0.35 -13.01
CA LYS C 82 2.64 1.50 -12.65
C LYS C 82 1.95 2.81 -12.83
N LYS C 83 0.64 2.82 -12.52
CA LYS C 83 -0.16 3.98 -12.76
C LYS C 83 -1.36 4.01 -11.82
N ALA C 84 -1.36 4.99 -10.96
CA ALA C 84 -2.47 5.27 -10.04
C ALA C 84 -3.51 6.19 -10.65
N LYS C 85 -4.60 5.58 -11.11
CA LYS C 85 -5.73 6.23 -11.81
C LYS C 85 -6.79 6.83 -10.87
N SER C 86 -6.29 7.71 -10.01
CA SER C 86 -7.11 8.46 -9.03
C SER C 86 -7.79 9.61 -9.72
N THR C 87 -9.02 9.93 -9.28
CA THR C 87 -9.69 11.12 -9.75
C THR C 87 -9.80 12.18 -8.68
N LEU C 88 -9.00 12.07 -7.61
CA LEU C 88 -8.91 13.13 -6.58
C LEU C 88 -8.50 14.43 -7.25
N VAL C 89 -9.29 15.48 -6.97
CA VAL C 89 -8.91 16.87 -7.37
C VAL C 89 -7.42 17.23 -7.02
N ARG C 90 -6.75 18.00 -7.88
CA ARG C 90 -5.44 18.60 -7.55
C ARG C 90 -5.54 20.04 -7.07
N ASN C 91 -5.19 20.27 -5.82
CA ASN C 91 -5.09 21.64 -5.26
C ASN C 91 -4.00 21.65 -4.22
N GLU C 92 -3.88 22.75 -3.51
CA GLU C 92 -2.91 22.87 -2.45
C GLU C 92 -3.13 21.85 -1.32
N GLU C 93 -4.38 21.50 -1.02
CA GLU C 93 -4.65 20.50 0.05
C GLU C 93 -4.22 19.07 -0.39
N THR C 94 -4.42 18.75 -1.66
CA THR C 94 -4.08 17.37 -2.21
C THR C 94 -2.71 17.28 -2.87
N ALA C 95 -1.94 18.38 -2.82
CA ALA C 95 -0.60 18.40 -3.43
C ALA C 95 0.33 17.33 -2.83
N LEU C 96 0.31 17.19 -1.52
CA LEU C 96 1.17 16.23 -0.86
C LEU C 96 0.92 14.80 -1.30
N ILE C 97 -0.34 14.37 -1.30
CA ILE C 97 -0.58 12.99 -1.68
C ILE C 97 -0.31 12.73 -3.16
N TRP C 98 -0.58 13.73 -4.00
CA TRP C 98 -0.36 13.59 -5.41
C TRP C 98 1.15 13.50 -5.71
N LYS C 99 1.95 14.18 -4.91
CA LYS C 99 3.43 14.15 -4.99
C LYS C 99 3.97 12.78 -4.58
N LEU C 100 3.40 12.23 -3.52
CA LEU C 100 3.80 10.88 -3.06
C LEU C 100 3.39 9.84 -4.09
N VAL C 101 2.20 9.97 -4.68
CA VAL C 101 1.79 9.07 -5.79
C VAL C 101 2.70 9.12 -7.02
N ASP C 102 2.98 10.33 -7.49
CA ASP C 102 3.92 10.57 -8.58
C ASP C 102 5.28 9.91 -8.29
N GLU C 103 5.78 10.12 -7.10
CA GLU C 103 7.09 9.54 -6.68
C GLU C 103 7.04 8.00 -6.56
N ALA C 104 5.91 7.48 -6.14
CA ALA C 104 5.71 5.98 -6.14
C ALA C 104 5.73 5.39 -7.50
N GLU C 105 4.97 6.00 -8.42
CA GLU C 105 4.99 5.61 -9.83
C GLU C 105 6.42 5.67 -10.35
N GLU C 106 7.11 6.76 -10.04
CA GLU C 106 8.52 6.90 -10.51
C GLU C 106 9.40 5.78 -10.00
N TRP C 107 9.23 5.41 -8.75
CA TRP C 107 10.02 4.32 -8.18
C TRP C 107 9.78 3.02 -8.97
N LEU C 108 8.49 2.72 -9.25
CA LEU C 108 8.11 1.54 -10.01
C LEU C 108 8.73 1.52 -11.39
N ASN C 109 8.83 2.69 -11.98
CA ASN C 109 9.47 2.84 -13.31
C ASN C 109 10.98 2.82 -13.31
N THR C 110 11.63 2.75 -12.13
CA THR C 110 13.10 2.81 -12.05
C THR C 110 13.77 1.65 -11.33
N HIS C 111 12.96 0.70 -10.86
CA HIS C 111 13.42 -0.42 -10.02
C HIS C 111 12.76 -1.69 -10.50
N THR C 112 13.45 -2.80 -10.29
CA THR C 112 12.86 -4.09 -10.48
C THR C 112 12.49 -4.71 -9.15
N TYR C 113 11.58 -5.66 -9.22
CA TYR C 113 11.24 -6.46 -8.05
C TYR C 113 10.62 -7.80 -8.52
N GLU C 114 10.75 -8.81 -7.72
CA GLU C 114 10.10 -10.08 -8.04
C GLU C 114 8.98 -10.36 -7.02
N THR C 115 8.78 -9.47 -6.03
CA THR C 115 7.76 -9.60 -5.00
C THR C 115 6.38 -9.95 -5.54
N PRO C 116 5.85 -11.13 -5.13
CA PRO C 116 4.47 -11.39 -5.55
C PRO C 116 3.55 -10.47 -4.78
N ILE C 117 2.59 -9.88 -5.47
CA ILE C 117 1.62 -9.03 -4.83
C ILE C 117 0.32 -9.80 -4.87
N LEU C 118 -0.10 -10.19 -3.70
CA LEU C 118 -1.21 -11.11 -3.53
C LEU C 118 -2.45 -10.46 -2.94
N LYS C 119 -3.61 -10.90 -3.42
CA LYS C 119 -4.86 -10.45 -2.86
C LYS C 119 -5.17 -11.18 -1.59
N TRP C 120 -5.33 -10.43 -0.51
CA TRP C 120 -5.80 -11.01 0.74
C TRP C 120 -7.26 -11.35 0.58
N GLN C 121 -7.59 -12.61 0.88
CA GLN C 121 -8.98 -13.09 0.69
C GLN C 121 -9.79 -12.93 1.95
N THR C 122 -10.29 -11.71 2.14
CA THR C 122 -11.00 -11.24 3.32
C THR C 122 -12.23 -12.11 3.59
N ASP C 123 -12.92 -12.50 2.54
CA ASP C 123 -14.20 -13.18 2.78
C ASP C 123 -13.98 -14.59 3.33
N LYS C 124 -12.81 -15.17 3.04
CA LYS C 124 -12.42 -16.48 3.55
C LYS C 124 -11.61 -16.41 4.81
N TRP C 125 -10.73 -15.40 4.93
CA TRP C 125 -9.79 -15.36 6.04
C TRP C 125 -10.00 -14.29 7.06
N GLY C 126 -10.98 -13.41 6.91
CA GLY C 126 -11.15 -12.33 7.89
C GLY C 126 -10.32 -11.12 7.52
N GLU C 127 -10.35 -10.09 8.34
CA GLU C 127 -9.69 -8.80 8.01
C GLU C 127 -8.17 -8.99 7.88
N ILE C 128 -7.60 -8.29 6.89
CA ILE C 128 -6.16 -8.33 6.76
C ILE C 128 -5.46 -7.94 8.08
N LYS C 129 -4.32 -8.55 8.37
CA LYS C 129 -3.61 -8.33 9.64
C LYS C 129 -3.16 -6.89 9.87
N ALA C 130 -2.98 -6.09 8.81
CA ALA C 130 -2.64 -4.68 8.94
C ALA C 130 -3.84 -3.76 9.15
N ASP C 131 -5.06 -4.30 9.24
CA ASP C 131 -6.24 -3.48 9.33
C ASP C 131 -6.09 -2.57 10.54
N TYR C 132 -6.62 -1.37 10.38
CA TYR C 132 -6.82 -0.46 11.49
C TYR C 132 -8.20 -0.76 12.08
MG MG D . -7.68 -2.50 2.86
MG MG E . -8.96 -2.06 6.61
#